data_2WYG
#
_entry.id   2WYG
#
_cell.length_a   56.673
_cell.length_b   72.814
_cell.length_c   78.509
_cell.angle_alpha   90.00
_cell.angle_beta   90.00
_cell.angle_gamma   90.00
#
_symmetry.space_group_name_H-M   'P 21 21 21'
#
loop_
_entity.id
_entity.type
_entity.pdbx_description
1 polymer 'ACTIVATED FACTOR XA HEAVY CHAIN'
2 polymer 'FACTOR X LIGHT CHAIN'
3 non-polymer (E)-2-(5-CHLOROTHIOPHEN-2-YL)-N-[(3S)-1-{4-[(1R)-1-(DIMETHYLAMINO)ETHYL]-2-FLUOROPHENYL}-2-OXOPYRROLIDIN-3-YL]ETHENESULFONAMIDE
4 water water
#
loop_
_entity_poly.entity_id
_entity_poly.type
_entity_poly.pdbx_seq_one_letter_code
_entity_poly.pdbx_strand_id
1 'polypeptide(L)'
;IVGGQECKDGECPWQALLINEENEGFCGGTILSEFYILTAAHCLYQAKRFKVRVGDRNTEQEEGGEAVHEVEVVIKHNRF
TKETYDFDIAVLRLKTPITFRMNVAPACLPERDWAESTLMTQKTGIVSGFGRTHEKGRQSTRLKMLEVPYVDRNSCKLSS
SFIITQNMFCAGYDTKQEDACQGDSGGPHVTRFKDTYFVTGIVSWGEGCARKGKYGIYTKVTAFLKWIDRSMKTRGLPKA
KSHAPEVITSSPLK
;
A
2 'polypeptide(L)'
;EEMKKGHLERECMEETCSYEEAREVFEDSDKTNEFWNKYKDGDQCETSPCQNQGKCKDGLGEYTCTCLEGFEGKNCELFT
RKLCSLDNGDCDQFCHEEQNSVVCSCARGYTLADNGKACIPTGPYPCGKQTLER
;
B
#
# COMPACT_ATOMS: atom_id res chain seq x y z
N ILE A 1 8.99 8.61 7.49
CA ILE A 1 9.90 8.22 6.39
C ILE A 1 11.27 8.89 6.53
N VAL A 2 12.30 8.05 6.63
CA VAL A 2 13.66 8.53 6.75
C VAL A 2 14.26 8.60 5.35
N GLY A 3 14.72 9.78 4.95
CA GLY A 3 15.23 9.95 3.60
C GLY A 3 14.03 10.14 2.68
N GLY A 4 14.16 9.74 1.43
CA GLY A 4 13.03 9.85 0.50
C GLY A 4 12.81 11.30 0.11
N GLN A 5 11.62 11.58 -0.42
CA GLN A 5 11.31 12.91 -0.89
C GLN A 5 9.88 13.30 -0.50
N GLU A 6 9.60 14.59 -0.53
CA GLU A 6 8.28 15.05 -0.21
C GLU A 6 7.34 14.59 -1.33
N CYS A 7 6.13 14.15 -0.99
CA CYS A 7 5.15 13.87 -2.02
C CYS A 7 4.68 15.20 -2.59
N LYS A 8 4.80 15.36 -3.90
CA LYS A 8 4.36 16.60 -4.51
C LYS A 8 2.88 16.50 -4.86
N ASP A 9 2.32 17.62 -5.32
CA ASP A 9 0.88 17.72 -5.59
C ASP A 9 0.40 16.57 -6.47
N GLY A 10 -0.57 15.81 -5.94
CA GLY A 10 -1.13 14.66 -6.64
C GLY A 10 -0.31 13.36 -6.73
N GLU A 11 0.86 13.30 -6.10
CA GLU A 11 1.74 12.11 -6.24
C GLU A 11 1.39 10.88 -5.38
N CYS A 12 0.79 11.10 -4.22
CA CYS A 12 0.48 10.01 -3.29
C CYS A 12 -0.98 10.14 -2.86
N PRO A 13 -1.91 10.11 -3.83
CA PRO A 13 -3.28 10.46 -3.47
C PRO A 13 -4.04 9.42 -2.65
N TRP A 14 -3.49 8.22 -2.57
CA TRP A 14 -4.11 7.09 -1.84
C TRP A 14 -3.71 7.04 -0.36
N GLN A 15 -2.89 7.99 0.07
CA GLN A 15 -2.44 8.00 1.47
C GLN A 15 -3.60 8.39 2.39
N ALA A 16 -3.74 7.69 3.51
CA ALA A 16 -4.69 8.07 4.53
C ALA A 16 -3.90 8.16 5.82
N LEU A 17 -4.44 8.91 6.79
CA LEU A 17 -3.75 9.10 8.07
C LEU A 17 -4.74 8.82 9.19
N LEU A 18 -4.35 7.98 10.14
CA LEU A 18 -5.24 7.69 11.25
C LEU A 18 -4.83 8.66 12.33
N ILE A 19 -5.81 9.38 12.85
CA ILE A 19 -5.57 10.43 13.83
C ILE A 19 -6.37 10.16 15.10
N ASN A 20 -5.73 10.36 16.24
CA ASN A 20 -6.39 10.09 17.53
C ASN A 20 -7.32 11.23 17.96
N GLU A 21 -7.91 11.10 19.15
CA GLU A 21 -8.83 12.11 19.68
C GLU A 21 -8.23 13.50 19.62
N GLU A 22 -6.93 13.56 19.92
CA GLU A 22 -6.19 14.80 19.95
C GLU A 22 -5.67 15.16 18.57
N ASN A 23 -6.39 14.75 17.53
CA ASN A 23 -6.01 15.00 16.13
C ASN A 23 -4.54 14.82 15.77
N GLU A 24 -3.87 13.89 16.42
CA GLU A 24 -2.49 13.57 16.08
C GLU A 24 -2.43 12.28 15.25
N GLY A 25 -1.69 12.31 14.15
CA GLY A 25 -1.53 11.12 13.30
C GLY A 25 -0.65 10.10 13.99
N PHE A 26 -1.04 8.82 13.95
CA PHE A 26 -0.24 7.78 14.60
C PHE A 26 0.05 6.57 13.71
N CYS A 27 -0.70 6.46 12.62
CA CYS A 27 -0.52 5.39 11.64
C CYS A 27 -1.04 5.86 10.28
N GLY A 28 -0.65 5.15 9.22
CA GLY A 28 -1.13 5.45 7.87
C GLY A 28 -2.16 4.44 7.47
N GLY A 29 -2.67 4.59 6.25
CA GLY A 29 -3.61 3.64 5.70
C GLY A 29 -3.60 3.88 4.20
N THR A 30 -4.24 3.02 3.44
CA THR A 30 -4.30 3.20 1.99
C THR A 30 -5.77 3.29 1.58
N ILE A 31 -6.13 4.29 0.78
CA ILE A 31 -7.51 4.37 0.26
C ILE A 31 -7.74 3.28 -0.77
N LEU A 32 -8.76 2.45 -0.57
CA LEU A 32 -9.11 1.39 -1.51
C LEU A 32 -10.36 1.71 -2.32
N SER A 33 -11.25 2.54 -1.78
CA SER A 33 -12.48 2.87 -2.49
C SER A 33 -13.11 3.99 -1.67
N GLU A 34 -14.29 4.47 -2.06
CA GLU A 34 -14.83 5.63 -1.39
C GLU A 34 -15.15 5.36 0.10
N PHE A 35 -15.44 4.10 0.42
CA PHE A 35 -15.77 3.68 1.79
C PHE A 35 -14.72 2.88 2.54
N TYR A 36 -13.70 2.39 1.85
CA TYR A 36 -12.74 1.48 2.51
C TYR A 36 -11.28 1.92 2.57
N ILE A 37 -10.68 1.75 3.75
CA ILE A 37 -9.28 2.03 4.00
C ILE A 37 -8.58 0.72 4.44
N LEU A 38 -7.40 0.49 3.88
CA LEU A 38 -6.54 -0.62 4.28
C LEU A 38 -5.54 -0.13 5.32
N THR A 39 -5.31 -0.89 6.39
CA THR A 39 -4.29 -0.48 7.37
C THR A 39 -3.72 -1.70 8.08
N ALA A 40 -2.84 -1.49 9.07
CA ALA A 40 -2.27 -2.61 9.80
C ALA A 40 -3.10 -2.92 11.04
N ALA A 41 -3.28 -4.20 11.32
CA ALA A 41 -4.01 -4.61 12.53
C ALA A 41 -3.37 -4.04 13.80
N HIS A 42 -2.05 -3.96 13.82
CA HIS A 42 -1.36 -3.50 15.02
C HIS A 42 -1.64 -2.03 15.33
N CYS A 43 -1.99 -1.25 14.30
CA CYS A 43 -2.33 0.15 14.51
C CYS A 43 -3.57 0.32 15.39
N LEU A 44 -4.45 -0.67 15.36
CA LEU A 44 -5.70 -0.60 16.11
C LEU A 44 -5.53 -0.60 17.63
N TYR A 45 -4.31 -0.78 18.10
CA TYR A 45 -4.01 -0.81 19.54
C TYR A 45 -3.37 0.49 19.99
N GLN A 46 -3.01 1.34 19.04
CA GLN A 46 -2.31 2.58 19.36
C GLN A 46 -3.22 3.76 19.72
N ALA A 47 -4.52 3.52 19.74
CA ALA A 47 -5.50 4.53 20.10
C ALA A 47 -6.83 3.85 20.37
N LYS A 48 -7.60 4.43 21.30
CA LYS A 48 -8.90 3.89 21.66
C LYS A 48 -9.90 4.27 20.57
N ARG A 49 -10.01 5.56 20.31
CA ARG A 49 -10.87 6.06 19.25
C ARG A 49 -10.00 6.80 18.24
N PHE A 50 -10.36 6.70 16.95
CA PHE A 50 -9.60 7.39 15.92
C PHE A 50 -10.46 7.67 14.69
N LYS A 51 -10.01 8.62 13.88
CA LYS A 51 -10.68 8.97 12.65
C LYS A 51 -9.64 8.85 11.52
N VAL A 52 -10.10 9.00 10.29
CA VAL A 52 -9.19 8.90 9.15
C VAL A 52 -9.14 10.23 8.41
N ARG A 53 -7.95 10.77 8.22
CA ARG A 53 -7.80 11.99 7.42
C ARG A 53 -7.22 11.66 6.03
N VAL A 54 -7.77 12.26 5.00
CA VAL A 54 -7.28 12.08 3.65
C VAL A 54 -7.03 13.45 3.03
N GLY A 55 -6.17 13.50 2.02
CA GLY A 55 -5.98 14.71 1.24
C GLY A 55 -4.97 15.73 1.70
N ASP A 56 -4.57 15.68 2.97
CA ASP A 56 -3.63 16.68 3.47
C ASP A 56 -2.20 16.24 3.30
N ARG A 57 -1.41 16.97 2.52
CA ARG A 57 0.00 16.63 2.37
C ARG A 57 0.79 17.33 3.46
N ASN A 58 0.20 18.38 4.00
CA ASN A 58 0.80 19.20 5.04
C ASN A 58 -0.17 19.30 6.22
N THR A 59 0.15 18.58 7.30
CA THR A 59 -0.69 18.56 8.51
C THR A 59 -0.99 19.95 9.09
N GLU A 60 -0.28 20.96 8.62
CA GLU A 60 -0.47 22.34 9.07
C GLU A 60 -1.19 23.17 8.00
N ALA A 67 -10.00 16.13 4.48
CA ALA A 67 -11.25 15.92 5.17
C ALA A 67 -11.14 14.74 6.14
N VAL A 68 -11.95 14.82 7.19
CA VAL A 68 -11.93 13.84 8.26
C VAL A 68 -13.13 12.92 8.19
N HIS A 69 -12.87 11.61 8.24
CA HIS A 69 -13.95 10.63 8.17
C HIS A 69 -13.95 9.73 9.39
N GLU A 70 -15.12 9.53 9.96
CA GLU A 70 -15.22 8.62 11.07
C GLU A 70 -15.35 7.21 10.55
N VAL A 71 -14.98 6.27 11.41
CA VAL A 71 -15.02 4.86 11.06
C VAL A 71 -16.32 4.20 11.51
N GLU A 72 -16.98 3.50 10.60
CA GLU A 72 -18.19 2.79 10.98
C GLU A 72 -17.85 1.38 11.48
N VAL A 73 -17.09 0.63 10.68
CA VAL A 73 -16.74 -0.74 11.02
C VAL A 73 -15.21 -0.97 10.97
N VAL A 74 -14.68 -1.66 11.97
CA VAL A 74 -13.27 -2.04 11.96
C VAL A 74 -13.19 -3.54 11.73
N ILE A 75 -12.56 -3.96 10.64
CA ILE A 75 -12.45 -5.39 10.35
C ILE A 75 -10.98 -5.77 10.47
N LYS A 76 -10.68 -6.52 11.52
CA LYS A 76 -9.33 -6.87 11.88
C LYS A 76 -9.12 -8.35 11.61
N HIS A 77 -7.97 -8.73 11.04
CA HIS A 77 -7.76 -10.13 10.75
C HIS A 77 -7.75 -10.89 12.08
N ASN A 78 -8.59 -11.89 12.22
CA ASN A 78 -8.69 -12.60 13.51
C ASN A 78 -7.43 -13.37 13.91
N ARG A 79 -6.54 -13.58 12.95
CA ARG A 79 -5.31 -14.31 13.23
C ARG A 79 -4.12 -13.42 13.61
N PHE A 80 -4.32 -12.11 13.62
CA PHE A 80 -3.22 -11.23 14.00
C PHE A 80 -2.70 -11.59 15.40
N THR A 81 -1.38 -11.68 15.56
CA THR A 81 -0.78 -11.95 16.87
C THR A 81 0.25 -10.89 17.19
N LYS A 82 0.08 -10.25 18.34
CA LYS A 82 1.01 -9.21 18.76
C LYS A 82 2.43 -9.77 18.86
N GLU A 83 2.53 -11.08 19.09
CA GLU A 83 3.84 -11.72 19.24
C GLU A 83 4.69 -11.72 17.97
N THR A 84 4.15 -12.23 16.88
CA THR A 84 4.88 -12.34 15.62
C THR A 84 4.54 -11.24 14.59
N TYR A 85 3.43 -10.53 14.81
CA TYR A 85 2.92 -9.54 13.82
C TYR A 85 2.48 -10.22 12.53
N ASP A 86 2.26 -11.53 12.56
CA ASP A 86 1.78 -12.24 11.39
C ASP A 86 0.33 -11.79 11.18
N PHE A 87 -0.14 -11.81 9.95
CA PHE A 87 -1.51 -11.35 9.62
C PHE A 87 -1.74 -9.91 10.06
N ASP A 88 -0.75 -9.03 9.87
CA ASP A 88 -0.89 -7.65 10.33
C ASP A 88 -1.68 -6.83 9.30
N ILE A 89 -3.00 -6.97 9.33
CA ILE A 89 -3.89 -6.31 8.37
C ILE A 89 -5.29 -6.04 8.94
N ALA A 90 -5.88 -4.95 8.49
CA ALA A 90 -7.22 -4.56 8.88
C ALA A 90 -7.83 -3.72 7.78
N VAL A 91 -9.16 -3.80 7.66
CA VAL A 91 -9.90 -2.97 6.71
C VAL A 91 -10.89 -2.13 7.50
N LEU A 92 -10.97 -0.84 7.16
CA LEU A 92 -11.89 0.08 7.84
C LEU A 92 -12.98 0.48 6.86
N ARG A 93 -14.24 0.45 7.30
CA ARG A 93 -15.33 0.98 6.48
C ARG A 93 -15.70 2.31 7.11
N LEU A 94 -15.69 3.36 6.30
CA LEU A 94 -15.99 4.70 6.81
C LEU A 94 -17.50 4.94 6.92
N LYS A 95 -17.87 5.90 7.75
CA LYS A 95 -19.27 6.30 7.91
C LYS A 95 -19.79 7.06 6.70
N THR A 96 -18.94 7.94 6.16
CA THR A 96 -19.29 8.72 4.98
C THR A 96 -18.27 8.43 3.86
N PRO A 97 -18.71 8.48 2.59
CA PRO A 97 -17.77 8.16 1.50
C PRO A 97 -16.76 9.27 1.23
N ILE A 98 -15.55 8.89 0.83
CA ILE A 98 -14.54 9.85 0.48
C ILE A 98 -14.84 10.48 -0.89
N THR A 99 -14.73 11.79 -1.00
CA THR A 99 -14.86 12.43 -2.30
C THR A 99 -13.50 12.48 -2.98
N PHE A 100 -13.38 11.87 -4.15
CA PHE A 100 -12.08 11.89 -4.81
C PHE A 100 -11.84 13.25 -5.46
N ARG A 101 -10.56 13.65 -5.47
CA ARG A 101 -10.16 14.96 -5.92
C ARG A 101 -8.66 14.99 -5.98
N MET A 102 -8.10 16.16 -6.26
CA MET A 102 -6.65 16.30 -6.26
C MET A 102 -6.16 15.81 -4.91
N ASN A 103 -5.19 14.91 -4.92
CA ASN A 103 -4.62 14.39 -3.68
C ASN A 103 -5.47 13.39 -2.92
N VAL A 104 -6.57 12.95 -3.52
CA VAL A 104 -7.42 11.97 -2.88
C VAL A 104 -7.99 11.02 -3.94
N ALA A 105 -7.45 9.81 -4.01
CA ALA A 105 -7.84 8.79 -4.97
C ALA A 105 -7.39 7.43 -4.49
N PRO A 106 -8.09 6.39 -4.91
CA PRO A 106 -7.72 5.08 -4.41
C PRO A 106 -6.54 4.47 -5.17
N ALA A 107 -5.81 3.56 -4.52
CA ALA A 107 -4.80 2.75 -5.21
C ALA A 107 -5.51 1.54 -5.75
N CYS A 108 -4.97 0.89 -6.78
CA CYS A 108 -5.66 -0.27 -7.32
C CYS A 108 -5.33 -1.56 -6.58
N LEU A 109 -6.32 -2.42 -6.39
CA LEU A 109 -6.03 -3.74 -5.89
C LEU A 109 -5.77 -4.61 -7.11
N PRO A 110 -4.64 -5.32 -7.13
CA PRO A 110 -4.36 -6.17 -8.28
C PRO A 110 -4.99 -7.58 -8.14
N GLU A 111 -4.99 -8.35 -9.21
CA GLU A 111 -5.43 -9.75 -9.15
C GLU A 111 -4.23 -10.47 -8.62
N ARG A 112 -4.46 -11.47 -7.78
CA ARG A 112 -3.36 -12.13 -7.10
C ARG A 112 -2.21 -12.76 -7.89
N ASP A 113 -2.50 -13.67 -8.81
CA ASP A 113 -1.40 -14.31 -9.52
C ASP A 113 -0.57 -13.33 -10.32
N TRP A 114 -1.25 -12.41 -10.98
CA TRP A 114 -0.56 -11.36 -11.75
C TRP A 114 0.35 -10.51 -10.86
N ALA A 115 -0.15 -10.12 -9.68
CA ALA A 115 0.65 -9.34 -8.73
C ALA A 115 1.90 -10.09 -8.33
N GLU A 116 1.76 -11.38 -8.04
CA GLU A 116 2.89 -12.19 -7.66
C GLU A 116 3.92 -12.29 -8.79
N SER A 117 3.46 -12.51 -10.01
CA SER A 117 4.42 -12.68 -11.10
C SER A 117 4.92 -11.37 -11.73
N THR A 118 4.11 -10.32 -11.65
CA THR A 118 4.44 -9.06 -12.34
C THR A 118 4.77 -7.87 -11.45
N LEU A 119 4.10 -7.75 -10.30
CA LEU A 119 4.38 -6.60 -9.44
C LEU A 119 5.48 -6.91 -8.41
N MET A 120 5.34 -8.05 -7.72
CA MET A 120 6.32 -8.43 -6.68
C MET A 120 7.67 -8.74 -7.30
N THR A 121 7.72 -8.83 -8.63
CA THR A 121 9.00 -9.10 -9.32
C THR A 121 9.64 -7.84 -9.89
N GLN A 122 9.01 -6.69 -9.70
CA GLN A 122 9.61 -5.43 -10.16
C GLN A 122 10.80 -5.16 -9.25
N LYS A 123 11.64 -4.20 -9.62
CA LYS A 123 12.80 -3.89 -8.83
C LYS A 123 12.45 -3.15 -7.54
N THR A 124 11.43 -2.29 -7.60
CA THR A 124 11.09 -1.46 -6.43
C THR A 124 9.61 -1.20 -6.27
N GLY A 125 9.24 -0.74 -5.07
CA GLY A 125 7.89 -0.27 -4.79
C GLY A 125 8.09 1.09 -4.12
N ILE A 126 7.00 1.70 -3.68
CA ILE A 126 7.05 3.02 -3.05
C ILE A 126 6.30 2.98 -1.75
N VAL A 127 6.95 3.44 -0.68
CA VAL A 127 6.31 3.52 0.63
C VAL A 127 6.10 4.99 0.95
N SER A 128 5.04 5.34 1.67
CA SER A 128 4.82 6.76 1.97
C SER A 128 4.24 6.93 3.37
N GLY A 129 4.34 8.12 3.95
CA GLY A 129 3.71 8.35 5.23
C GLY A 129 4.12 9.63 5.93
N PHE A 130 3.48 9.92 7.05
CA PHE A 130 3.74 11.11 7.85
C PHE A 130 4.58 10.78 9.08
N GLY A 131 5.21 9.60 9.08
CA GLY A 131 6.03 9.17 10.20
C GLY A 131 7.31 9.98 10.39
N ARG A 132 8.10 9.59 11.39
CA ARG A 132 9.36 10.25 11.72
C ARG A 132 10.36 10.23 10.59
N THR A 133 11.15 11.31 10.52
CA THR A 133 12.17 11.43 9.47
C THR A 133 13.55 11.01 10.01
N HIS A 134 13.59 10.68 11.30
CA HIS A 134 14.79 10.13 11.96
C HIS A 134 14.29 9.18 13.04
N GLU A 135 15.07 8.15 13.40
CA GLU A 135 14.57 7.20 14.40
C GLU A 135 14.10 7.94 15.65
N LYS A 136 14.89 8.94 16.06
CA LYS A 136 14.46 9.81 17.13
C LYS A 136 14.00 11.12 16.49
N GLY A 137 12.71 11.41 16.63
CA GLY A 137 12.17 12.61 16.04
C GLY A 137 10.68 12.73 16.16
N ARG A 138 10.17 13.87 15.75
CA ARG A 138 8.76 14.18 15.78
C ARG A 138 8.16 13.68 14.45
N GLN A 139 6.83 13.51 14.41
CA GLN A 139 6.15 13.10 13.18
C GLN A 139 6.37 14.15 12.08
N SER A 140 6.37 13.75 10.82
CA SER A 140 6.54 14.72 9.74
C SER A 140 5.25 15.51 9.54
N THR A 141 5.37 16.82 9.33
CA THR A 141 4.16 17.59 9.03
C THR A 141 3.88 17.45 7.53
N ARG A 142 4.87 16.98 6.77
CA ARG A 142 4.73 16.80 5.33
C ARG A 142 4.68 15.32 4.96
N LEU A 143 3.81 14.97 4.02
CA LEU A 143 3.77 13.58 3.55
C LEU A 143 5.02 13.31 2.73
N LYS A 144 5.73 12.22 3.04
CA LYS A 144 6.91 11.83 2.27
C LYS A 144 6.74 10.47 1.56
N MET A 145 7.58 10.23 0.56
CA MET A 145 7.57 8.94 -0.15
C MET A 145 9.00 8.53 -0.36
N LEU A 146 9.20 7.22 -0.59
CA LEU A 146 10.52 6.66 -0.77
C LEU A 146 10.44 5.42 -1.63
N GLU A 147 11.27 5.37 -2.66
CA GLU A 147 11.33 4.18 -3.49
C GLU A 147 12.13 3.16 -2.70
N VAL A 148 11.61 1.94 -2.58
CA VAL A 148 12.30 0.90 -1.84
C VAL A 148 12.41 -0.37 -2.68
N PRO A 149 13.64 -0.87 -2.87
CA PRO A 149 13.85 -2.09 -3.63
C PRO A 149 13.23 -3.29 -2.93
N TYR A 150 12.66 -4.19 -3.71
CA TYR A 150 12.19 -5.44 -3.15
C TYR A 150 13.44 -6.21 -2.73
N VAL A 151 13.37 -6.91 -1.60
CA VAL A 151 14.51 -7.66 -1.11
C VAL A 151 14.26 -9.16 -1.23
N ASP A 152 15.27 -9.86 -1.77
CA ASP A 152 15.26 -11.31 -1.88
C ASP A 152 14.80 -11.95 -0.57
N ARG A 153 13.91 -12.94 -0.63
CA ARG A 153 13.40 -13.54 0.62
C ARG A 153 14.47 -14.15 1.53
N ASN A 154 15.49 -14.77 0.93
CA ASN A 154 16.55 -15.39 1.72
C ASN A 154 17.39 -14.33 2.44
N SER A 155 17.82 -13.31 1.69
CA SER A 155 18.57 -12.23 2.30
C SER A 155 17.73 -11.69 3.44
N CYS A 156 16.43 -11.50 3.17
CA CYS A 156 15.53 -10.95 4.16
C CYS A 156 15.55 -11.75 5.46
N LYS A 157 15.30 -13.07 5.37
CA LYS A 157 15.29 -13.92 6.56
C LYS A 157 16.66 -13.94 7.27
N LEU A 158 17.73 -13.92 6.49
CA LEU A 158 19.08 -13.91 7.06
C LEU A 158 19.34 -12.65 7.88
N SER A 159 18.81 -11.51 7.44
CA SER A 159 19.02 -10.23 8.10
C SER A 159 18.21 -10.04 9.38
N SER A 160 17.18 -10.86 9.56
CA SER A 160 16.21 -10.64 10.62
C SER A 160 16.36 -11.44 11.90
N SER A 161 16.14 -10.74 13.02
CA SER A 161 16.18 -11.34 14.34
C SER A 161 14.86 -12.02 14.63
N PHE A 162 13.88 -11.84 13.75
CA PHE A 162 12.57 -12.43 13.99
C PHE A 162 12.10 -13.18 12.73
N ILE A 163 11.17 -14.10 12.92
CA ILE A 163 10.66 -14.88 11.81
C ILE A 163 9.89 -14.03 10.81
N ILE A 164 10.29 -14.13 9.54
CA ILE A 164 9.57 -13.52 8.42
C ILE A 164 8.61 -14.59 7.87
N THR A 165 7.32 -14.42 8.10
CA THR A 165 6.34 -15.39 7.60
C THR A 165 6.05 -15.21 6.11
N GLN A 166 5.25 -16.10 5.53
CA GLN A 166 4.87 -15.95 4.12
C GLN A 166 3.86 -14.82 3.93
N ASN A 167 3.37 -14.26 5.03
CA ASN A 167 2.45 -13.12 4.95
C ASN A 167 3.20 -11.80 4.97
N MET A 168 4.53 -11.88 4.87
CA MET A 168 5.38 -10.70 4.95
C MET A 168 6.41 -10.70 3.82
N PHE A 169 6.91 -9.50 3.52
CA PHE A 169 8.02 -9.36 2.59
C PHE A 169 8.91 -8.22 3.06
N CYS A 170 10.17 -8.23 2.62
CA CYS A 170 11.15 -7.18 2.97
C CYS A 170 11.34 -6.21 1.86
N ALA A 171 11.57 -4.95 2.22
CA ALA A 171 11.93 -3.94 1.22
C ALA A 171 12.79 -2.87 1.86
N GLY A 172 13.66 -2.28 1.07
CA GLY A 172 14.49 -1.22 1.62
C GLY A 172 15.93 -1.36 1.16
N TYR A 173 16.81 -0.71 1.90
CA TYR A 173 18.22 -0.68 1.55
C TYR A 173 19.03 -1.31 2.68
N ASP A 174 20.12 -2.00 2.32
CA ASP A 174 20.94 -2.64 3.34
C ASP A 174 21.84 -1.63 4.08
N THR A 175 22.41 -0.71 3.32
CA THR A 175 23.34 0.28 3.88
C THR A 175 22.87 1.72 3.76
N LYS A 176 22.34 2.10 2.59
CA LYS A 176 21.83 3.45 2.39
C LYS A 176 20.83 3.74 3.49
N GLN A 177 20.85 4.94 4.06
CA GLN A 177 20.00 5.23 5.23
C GLN A 177 18.61 5.80 4.91
N GLU A 178 17.74 4.95 4.38
CA GLU A 178 16.39 5.34 3.98
C GLU A 178 15.43 4.21 4.35
N ASP A 179 14.34 4.55 5.02
CA ASP A 179 13.40 3.53 5.47
C ASP A 179 12.08 4.16 5.92
N ALA A 180 11.07 3.34 6.18
CA ALA A 180 9.85 3.82 6.80
C ALA A 180 10.26 3.94 8.24
N CYS A 181 9.42 4.52 9.08
CA CYS A 181 9.79 4.70 10.48
C CYS A 181 8.52 4.81 11.32
N GLN A 182 8.65 5.16 12.59
CA GLN A 182 7.49 5.26 13.48
C GLN A 182 6.45 6.27 12.98
N GLY A 183 5.19 5.85 13.01
CA GLY A 183 4.11 6.69 12.51
C GLY A 183 3.72 6.34 11.08
N ASP A 184 4.60 5.65 10.36
CA ASP A 184 4.35 5.21 8.97
C ASP A 184 3.58 3.88 8.91
N SER A 185 3.60 3.10 10.00
CA SER A 185 2.90 1.82 10.06
C SER A 185 1.46 1.91 9.59
N GLY A 186 1.01 0.87 8.87
CA GLY A 186 -0.35 0.82 8.38
C GLY A 186 -0.49 1.47 7.02
N GLY A 187 0.53 2.23 6.62
CA GLY A 187 0.51 2.97 5.35
C GLY A 187 0.78 2.17 4.09
N PRO A 188 0.71 2.85 2.92
CA PRO A 188 0.85 2.15 1.63
C PRO A 188 2.26 1.77 1.22
N HIS A 189 2.35 0.56 0.68
CA HIS A 189 3.48 0.18 -0.15
C HIS A 189 2.76 -0.10 -1.47
N VAL A 190 3.10 0.66 -2.51
CA VAL A 190 2.50 0.49 -3.82
C VAL A 190 3.58 0.18 -4.86
N THR A 191 3.16 -0.46 -5.96
CA THR A 191 4.09 -0.80 -7.02
C THR A 191 3.51 -0.25 -8.31
N ARG A 192 4.35 0.46 -9.07
CA ARG A 192 3.95 1.08 -10.32
C ARG A 192 4.10 0.07 -11.45
N PHE A 193 3.08 -0.02 -12.30
CA PHE A 193 3.18 -0.82 -13.50
C PHE A 193 2.50 -0.01 -14.61
N LYS A 194 3.27 0.37 -15.65
CA LYS A 194 2.74 1.21 -16.73
C LYS A 194 1.91 2.39 -16.24
N ASP A 195 2.52 3.21 -15.39
CA ASP A 195 1.84 4.40 -14.84
C ASP A 195 0.57 4.16 -14.01
N THR A 196 0.36 2.93 -13.54
CA THR A 196 -0.76 2.66 -12.62
C THR A 196 -0.16 2.10 -11.35
N TYR A 197 -0.63 2.55 -10.20
CA TYR A 197 -0.07 2.15 -8.93
C TYR A 197 -0.99 1.14 -8.23
N PHE A 198 -0.44 -0.02 -7.90
CA PHE A 198 -1.22 -1.09 -7.24
C PHE A 198 -0.73 -1.30 -5.82
N VAL A 199 -1.67 -1.52 -4.89
N VAL A 199 -1.66 -1.44 -4.87
CA VAL A 199 -1.29 -1.79 -3.51
CA VAL A 199 -1.21 -1.66 -3.52
C VAL A 199 -0.61 -3.14 -3.46
C VAL A 199 -0.63 -3.08 -3.42
N THR A 200 0.57 -3.16 -2.88
CA THR A 200 1.32 -4.39 -2.75
C THR A 200 1.73 -4.71 -1.30
N GLY A 201 1.75 -3.72 -0.42
CA GLY A 201 2.12 -3.97 0.95
C GLY A 201 1.50 -3.00 1.94
N ILE A 202 1.60 -3.35 3.22
CA ILE A 202 1.17 -2.47 4.32
C ILE A 202 2.42 -2.34 5.21
N VAL A 203 2.84 -1.11 5.52
CA VAL A 203 4.00 -0.88 6.40
C VAL A 203 3.70 -1.59 7.72
N SER A 204 4.57 -2.52 8.12
CA SER A 204 4.25 -3.35 9.28
C SER A 204 5.22 -3.18 10.46
N TRP A 205 6.49 -3.52 10.25
CA TRP A 205 7.46 -3.41 11.37
C TRP A 205 8.89 -3.35 10.88
N GLY A 206 9.82 -3.05 11.79
CA GLY A 206 11.22 -2.98 11.42
C GLY A 206 12.02 -2.92 12.71
N GLU A 207 13.24 -3.42 12.69
CA GLU A 207 14.09 -3.35 13.89
C GLU A 207 14.77 -1.98 13.84
N GLY A 208 14.05 -0.97 14.32
CA GLY A 208 14.52 0.41 14.25
C GLY A 208 14.20 1.01 12.89
N CYS A 209 14.78 2.16 12.59
CA CYS A 209 14.55 2.76 11.29
C CYS A 209 15.87 2.95 10.59
N ALA A 210 15.96 2.43 9.37
CA ALA A 210 17.15 2.58 8.56
C ALA A 210 18.40 2.08 9.28
N ARG A 211 18.29 1.00 10.03
CA ARG A 211 19.44 0.42 10.71
C ARG A 211 20.24 -0.47 9.76
N LYS A 212 21.57 -0.33 9.83
CA LYS A 212 22.46 -1.13 8.99
C LYS A 212 22.12 -2.62 9.10
N GLY A 213 22.12 -3.29 7.96
CA GLY A 213 21.82 -4.72 7.88
C GLY A 213 20.37 -5.10 8.18
N LYS A 214 19.48 -4.11 8.22
CA LYS A 214 18.06 -4.40 8.47
C LYS A 214 17.20 -3.83 7.33
N TYR A 215 16.02 -4.40 7.15
CA TYR A 215 15.10 -3.95 6.12
C TYR A 215 13.74 -3.61 6.73
N GLY A 216 12.89 -2.94 5.97
CA GLY A 216 11.54 -2.70 6.45
C GLY A 216 10.72 -3.97 6.18
N ILE A 217 9.79 -4.28 7.08
CA ILE A 217 8.99 -5.49 6.91
C ILE A 217 7.55 -5.09 6.64
N TYR A 218 7.02 -5.61 5.54
CA TYR A 218 5.67 -5.25 5.06
C TYR A 218 4.71 -6.42 5.01
N THR A 219 3.43 -6.16 5.27
CA THR A 219 2.40 -7.19 5.11
C THR A 219 2.22 -7.41 3.61
N LYS A 220 2.30 -8.67 3.16
CA LYS A 220 2.17 -8.99 1.74
C LYS A 220 0.69 -8.98 1.37
N VAL A 221 0.25 -7.91 0.72
CA VAL A 221 -1.15 -7.79 0.34
C VAL A 221 -1.68 -8.96 -0.54
N THR A 222 -0.84 -9.52 -1.41
CA THR A 222 -1.31 -10.62 -2.29
C THR A 222 -1.85 -11.80 -1.48
N ALA A 223 -1.26 -12.02 -0.30
CA ALA A 223 -1.70 -13.11 0.56
C ALA A 223 -3.10 -12.87 1.13
N PHE A 224 -3.62 -11.64 0.99
CA PHE A 224 -4.90 -11.30 1.59
C PHE A 224 -5.91 -10.70 0.60
N LEU A 225 -5.67 -10.86 -0.69
CA LEU A 225 -6.60 -10.24 -1.64
C LEU A 225 -8.04 -10.74 -1.48
N LYS A 226 -8.21 -12.04 -1.27
CA LYS A 226 -9.57 -12.58 -1.13
C LYS A 226 -10.18 -12.09 0.16
N TRP A 227 -9.38 -12.07 1.21
CA TRP A 227 -9.80 -11.55 2.49
C TRP A 227 -10.28 -10.10 2.35
N ILE A 228 -9.49 -9.27 1.67
CA ILE A 228 -9.85 -7.87 1.46
C ILE A 228 -11.18 -7.77 0.69
N ASP A 229 -11.30 -8.52 -0.40
CA ASP A 229 -12.50 -8.48 -1.25
C ASP A 229 -13.72 -8.84 -0.41
N ARG A 230 -13.59 -9.86 0.42
CA ARG A 230 -14.71 -10.25 1.28
C ARG A 230 -15.02 -9.19 2.31
N SER A 231 -13.98 -8.59 2.89
CA SER A 231 -14.19 -7.53 3.86
C SER A 231 -14.92 -6.30 3.30
N MET A 232 -14.78 -6.05 2.00
CA MET A 232 -15.39 -4.87 1.39
C MET A 232 -16.82 -5.13 0.91
N LYS A 233 -17.38 -6.28 1.28
CA LYS A 233 -18.75 -6.61 0.91
C LYS A 233 -19.66 -6.58 2.14
N THR A 234 -19.08 -6.80 3.30
CA THR A 234 -19.82 -6.77 4.56
C THR A 234 -18.94 -6.17 5.66
N ARG B 81 10.86 -16.23 -23.19
CA ARG B 81 9.68 -15.39 -22.81
C ARG B 81 8.57 -15.38 -23.87
N LYS B 82 7.40 -15.89 -23.52
CA LYS B 82 6.27 -15.87 -24.43
C LYS B 82 4.98 -15.51 -23.68
N LEU B 83 3.97 -15.09 -24.44
CA LEU B 83 2.67 -14.75 -23.87
C LEU B 83 2.80 -13.70 -22.75
N CYS B 84 2.21 -13.98 -21.58
CA CYS B 84 2.25 -12.98 -20.50
C CYS B 84 3.65 -12.66 -20.04
N SER B 85 4.60 -13.55 -20.33
CA SER B 85 5.99 -13.32 -19.95
C SER B 85 6.70 -12.38 -20.90
N LEU B 86 6.08 -12.12 -22.04
CA LEU B 86 6.68 -11.23 -23.02
C LEU B 86 5.96 -9.87 -22.95
N ASP B 87 6.62 -8.91 -22.32
CA ASP B 87 6.11 -7.55 -22.12
C ASP B 87 4.66 -7.58 -21.62
N ASN B 88 4.39 -8.45 -20.64
CA ASN B 88 3.05 -8.53 -20.05
C ASN B 88 1.96 -8.81 -21.09
N GLY B 89 2.30 -9.51 -22.18
CA GLY B 89 1.34 -9.84 -23.23
C GLY B 89 0.75 -8.63 -23.96
N ASP B 90 1.42 -7.49 -23.83
CA ASP B 90 0.96 -6.23 -24.40
C ASP B 90 -0.25 -5.66 -23.64
N CYS B 91 -0.59 -6.25 -22.50
CA CYS B 91 -1.71 -5.76 -21.71
C CYS B 91 -1.32 -4.54 -20.88
N ASP B 92 -2.23 -3.60 -20.71
CA ASP B 92 -2.02 -2.43 -19.84
C ASP B 92 -1.93 -2.88 -18.37
N GLN B 93 -2.80 -3.82 -17.99
CA GLN B 93 -2.84 -4.26 -16.58
C GLN B 93 -2.74 -5.77 -16.47
N PHE B 94 -3.83 -6.43 -16.09
CA PHE B 94 -3.76 -7.87 -15.80
C PHE B 94 -3.59 -8.71 -17.05
N CYS B 95 -2.65 -9.65 -17.01
CA CYS B 95 -2.44 -10.58 -18.13
C CYS B 95 -2.66 -11.99 -17.59
N HIS B 96 -3.45 -12.78 -18.29
CA HIS B 96 -3.62 -14.21 -17.98
C HIS B 96 -3.46 -15.00 -19.25
N GLU B 97 -3.01 -16.25 -19.12
CA GLU B 97 -2.87 -17.13 -20.27
C GLU B 97 -3.95 -18.21 -20.20
N GLU B 98 -4.82 -18.22 -21.21
CA GLU B 98 -5.88 -19.23 -21.32
C GLU B 98 -5.75 -19.94 -22.66
N GLN B 99 -5.65 -21.26 -22.61
CA GLN B 99 -5.53 -22.04 -23.83
C GLN B 99 -4.43 -21.54 -24.74
N ASN B 100 -3.24 -21.32 -24.17
CA ASN B 100 -2.08 -20.89 -24.95
C ASN B 100 -2.15 -19.49 -25.57
N SER B 101 -3.07 -18.66 -25.11
CA SER B 101 -3.15 -17.29 -25.62
C SER B 101 -3.39 -16.27 -24.51
N VAL B 102 -2.97 -15.04 -24.78
CA VAL B 102 -3.09 -13.94 -23.83
C VAL B 102 -4.51 -13.43 -23.70
N VAL B 103 -4.96 -13.24 -22.45
CA VAL B 103 -6.23 -12.59 -22.17
C VAL B 103 -5.92 -11.44 -21.19
N CYS B 104 -6.20 -10.19 -21.60
CA CYS B 104 -5.96 -9.03 -20.74
C CYS B 104 -7.20 -8.69 -19.95
N SER B 105 -7.03 -8.07 -18.79
CA SER B 105 -8.17 -7.60 -18.01
C SER B 105 -7.73 -6.39 -17.19
N CYS B 106 -8.68 -5.71 -16.57
CA CYS B 106 -8.41 -4.46 -15.89
C CYS B 106 -8.96 -4.42 -14.46
N ALA B 107 -8.40 -3.51 -13.67
CA ALA B 107 -8.92 -3.26 -12.33
C ALA B 107 -10.32 -2.65 -12.39
N ARG B 108 -11.03 -2.70 -11.27
CA ARG B 108 -12.35 -2.12 -11.18
C ARG B 108 -12.27 -0.64 -11.49
N GLY B 109 -13.24 -0.11 -12.20
CA GLY B 109 -13.21 1.28 -12.58
C GLY B 109 -12.53 1.54 -13.92
N TYR B 110 -12.12 0.47 -14.59
CA TYR B 110 -11.59 0.56 -15.95
C TYR B 110 -12.37 -0.40 -16.81
N THR B 111 -12.47 -0.11 -18.10
CA THR B 111 -13.07 -1.03 -19.04
C THR B 111 -11.98 -1.43 -20.05
N LEU B 112 -11.98 -2.68 -20.48
CA LEU B 112 -11.01 -3.14 -21.45
C LEU B 112 -11.35 -2.50 -22.79
N ALA B 113 -10.36 -1.90 -23.44
CA ALA B 113 -10.60 -1.23 -24.74
C ALA B 113 -10.92 -2.25 -25.84
N ASP B 114 -11.38 -1.74 -26.98
CA ASP B 114 -11.74 -2.63 -28.12
C ASP B 114 -10.58 -3.50 -28.60
N ASN B 115 -9.34 -3.00 -28.52
CA ASN B 115 -8.19 -3.82 -28.88
C ASN B 115 -7.91 -4.97 -27.90
N GLY B 116 -8.71 -5.05 -26.85
CA GLY B 116 -8.53 -6.13 -25.87
C GLY B 116 -7.26 -6.07 -25.04
N LYS B 117 -6.56 -4.94 -25.06
CA LYS B 117 -5.30 -4.80 -24.33
C LYS B 117 -5.25 -3.55 -23.42
N ALA B 118 -5.74 -2.42 -23.91
CA ALA B 118 -5.70 -1.18 -23.12
C ALA B 118 -6.83 -1.13 -22.09
N CYS B 119 -6.61 -0.39 -21.02
CA CYS B 119 -7.61 -0.21 -19.95
C CYS B 119 -8.03 1.26 -19.91
N ILE B 120 -9.32 1.50 -20.08
CA ILE B 120 -9.84 2.87 -20.13
C ILE B 120 -10.61 3.22 -18.89
N PRO B 121 -10.21 4.33 -18.23
CA PRO B 121 -10.91 4.76 -17.01
C PRO B 121 -12.38 5.05 -17.29
N THR B 122 -13.24 4.65 -16.36
CA THR B 122 -14.66 4.89 -16.56
C THR B 122 -15.06 6.24 -15.98
N GLY B 123 -14.18 6.83 -15.17
CA GLY B 123 -14.50 8.11 -14.56
C GLY B 123 -13.29 8.92 -14.20
N PRO B 124 -13.64 10.01 -13.55
N PRO B 124 -13.40 10.10 -13.53
CA PRO B 124 -12.67 10.70 -12.89
CA PRO B 124 -12.22 11.06 -13.34
C PRO B 124 -12.36 9.77 -11.73
C PRO B 124 -10.95 10.82 -12.43
N TYR B 125 -11.13 9.95 -11.44
CA TYR B 125 -10.28 9.46 -10.38
C TYR B 125 -10.26 7.93 -10.33
N PRO B 126 -9.84 7.31 -11.45
CA PRO B 126 -9.72 5.85 -11.52
C PRO B 126 -8.62 5.46 -10.55
N CYS B 127 -8.70 4.24 -10.03
CA CYS B 127 -7.71 3.80 -9.08
C CYS B 127 -6.31 3.78 -9.66
N GLY B 128 -5.34 4.06 -8.81
CA GLY B 128 -3.94 3.91 -9.16
C GLY B 128 -3.36 5.01 -10.02
N LYS B 129 -4.11 6.05 -10.30
CA LYS B 129 -3.55 7.15 -11.08
C LYS B 129 -3.22 8.35 -10.20
N GLN B 130 -2.00 8.85 -10.34
CA GLN B 130 -1.69 10.11 -9.68
C GLN B 130 -2.66 11.19 -10.17
N THR B 131 -2.98 12.15 -9.32
CA THR B 131 -3.89 13.21 -9.69
C THR B 131 -3.00 14.39 -10.08
N LEU B 132 -2.40 14.31 -11.26
CA LEU B 132 -1.49 15.35 -11.71
C LEU B 132 -2.16 16.25 -12.75
#